data_6XHD
#
_entry.id   6XHD
#
_cell.length_a   98.532
_cell.length_b   30.689
_cell.length_c   68.641
_cell.angle_alpha   90.000
_cell.angle_beta   90.560
_cell.angle_gamma   90.000
#
_symmetry.space_group_name_H-M   'C 1 2 1'
#
loop_
_entity.id
_entity.type
_entity.pdbx_description
1 polymer 'Ribonuclease pancreatic'
2 non-polymer 'POTASSIUM ION'
3 non-polymer '(2~{S})-1-[[(2~{R},3~{S},4~{R},5~{R})-5-(6-aminopurin-9-yl)-3,4-bis(oxidanyl)oxolan-2-yl]methoxy-oxidanyl-phosphoryl]pyrrolidine-2-carboxylic acid'
4 non-polymer (4S)-2-METHYL-2,4-PENTANEDIOL
5 water water
#
_entity_poly.entity_id   1
_entity_poly.type   'polypeptide(L)'
_entity_poly.pdbx_seq_one_letter_code
;KETAAAKFERQHMDSSTSAASSSNYCNQMMKSRNLTKDRCKPVNTFVHESLADVQAVCSQKNVACKNGQTNCYQSYSTMS
ITDCRETGSSKYPNCAYKTTQANKHIIVACEGNPYVPVHFDASV
;
_entity_poly.pdbx_strand_id   A,B
#
loop_
_chem_comp.id
_chem_comp.type
_chem_comp.name
_chem_comp.formula
K non-polymer 'POTASSIUM ION' 'K 1'
MPD non-polymer (4S)-2-METHYL-2,4-PENTANEDIOL 'C6 H14 O2'
V2P non-polymer '(2~{S})-1-[[(2~{R},3~{S},4~{R},5~{R})-5-(6-aminopurin-9-yl)-3,4-bis(oxidanyl)oxolan-2-yl]methoxy-oxidanyl-phosphoryl]pyrrolidine-2-carboxylic acid' 'C15 H21 N6 O8 P'
#
# COMPACT_ATOMS: atom_id res chain seq x y z
N LYS A 1 13.35 -8.04 -11.63
CA LYS A 1 11.97 -7.49 -11.85
C LYS A 1 11.86 -6.08 -11.27
N GLU A 2 12.18 -5.91 -9.99
CA GLU A 2 12.00 -4.65 -9.30
C GLU A 2 13.23 -3.78 -9.50
N THR A 3 13.02 -2.46 -9.73
CA THR A 3 14.12 -1.53 -9.78
C THR A 3 14.60 -1.23 -8.36
N ALA A 4 15.84 -0.78 -8.26
CA ALA A 4 16.41 -0.43 -6.96
C ALA A 4 15.62 0.70 -6.31
N ALA A 5 15.21 1.69 -7.11
CA ALA A 5 14.41 2.80 -6.59
C ALA A 5 13.09 2.27 -6.04
N ALA A 6 12.46 1.34 -6.77
CA ALA A 6 11.16 0.84 -6.34
C ALA A 6 11.33 0.00 -5.08
N LYS A 7 12.40 -0.79 -5.04
CA LYS A 7 12.67 -1.60 -3.86
C LYS A 7 12.87 -0.69 -2.64
N PHE A 8 13.57 0.44 -2.84
CA PHE A 8 13.73 1.38 -1.72
C PHE A 8 12.37 1.88 -1.22
N GLU A 9 11.48 2.26 -2.14
CA GLU A 9 10.18 2.73 -1.67
C GLU A 9 9.46 1.63 -0.90
N ARG A 10 9.49 0.41 -1.42
CA ARG A 10 8.75 -0.70 -0.82
C ARG A 10 9.30 -0.99 0.58
N GLN A 11 10.63 -1.01 0.71
CA GLN A 11 11.22 -1.40 1.98
C GLN A 11 11.18 -0.26 2.99
N HIS A 12 11.26 1.01 2.54
CA HIS A 12 11.71 2.05 3.43
C HIS A 12 10.76 3.24 3.58
N MET A 13 9.81 3.43 2.64
CA MET A 13 8.95 4.59 2.70
C MET A 13 7.61 4.25 3.33
N ASP A 14 7.23 5.03 4.32
CA ASP A 14 5.84 5.02 4.78
C ASP A 14 5.42 6.42 5.18
N SER A 15 4.95 7.21 4.21
CA SER A 15 4.61 8.59 4.53
C SER A 15 3.13 8.70 4.95
N SER A 16 2.47 7.56 5.16
CA SER A 16 1.06 7.60 5.52
C SER A 16 0.85 7.88 7.01
N THR A 17 1.92 7.81 7.79
CA THR A 17 1.84 8.12 9.21
C THR A 17 3.03 8.99 9.59
N SER A 18 2.90 9.77 10.66
CA SER A 18 3.98 10.66 11.04
C SER A 18 4.93 9.96 12.00
N ALA A 19 4.46 8.84 12.57
CA ALA A 19 5.21 8.02 13.50
C ALA A 19 4.52 6.67 13.69
N ALA A 20 5.27 5.68 14.18
CA ALA A 20 4.71 4.34 14.37
C ALA A 20 3.45 4.44 15.21
N SER A 21 2.39 3.72 14.79
CA SER A 21 1.07 3.94 15.35
C SER A 21 0.81 3.02 16.55
N SER A 22 1.65 1.98 16.71
CA SER A 22 1.49 1.01 17.79
C SER A 22 2.71 0.10 17.87
N SER A 23 2.79 -0.68 18.96
CA SER A 23 3.83 -1.68 19.14
C SER A 23 3.71 -2.77 18.07
N ASN A 24 2.59 -2.76 17.35
CA ASN A 24 2.22 -3.77 16.37
C ASN A 24 2.53 -3.28 14.95
N TYR A 25 3.00 -2.03 14.85
CA TYR A 25 3.24 -1.41 13.55
C TYR A 25 4.22 -2.24 12.73
N CYS A 26 5.32 -2.67 13.35
CA CYS A 26 6.32 -3.38 12.59
C CYS A 26 5.78 -4.73 12.10
N ASN A 27 5.05 -5.46 12.98
CA ASN A 27 4.51 -6.73 12.54
C ASN A 27 3.67 -6.57 11.28
N GLN A 28 2.82 -5.53 11.25
CA GLN A 28 1.92 -5.29 10.13
C GLN A 28 2.72 -4.90 8.90
N MET A 29 3.70 -4.02 9.11
CA MET A 29 4.33 -3.34 7.98
C MET A 29 5.31 -4.29 7.30
N MET A 30 6.04 -5.09 8.09
CA MET A 30 7.00 -6.01 7.51
C MET A 30 6.30 -7.04 6.61
N LYS A 31 5.06 -7.41 6.99
CA LYS A 31 4.24 -8.33 6.19
C LYS A 31 3.72 -7.65 4.93
N SER A 32 3.18 -6.43 5.06
CA SER A 32 2.50 -5.77 3.95
C SER A 32 3.50 -5.33 2.87
N ARG A 33 4.78 -5.25 3.24
CA ARG A 33 5.78 -4.78 2.29
C ARG A 33 6.60 -5.95 1.76
N ASN A 34 6.15 -7.18 2.07
CA ASN A 34 6.76 -8.41 1.58
C ASN A 34 8.16 -8.61 2.15
N LEU A 35 8.42 -8.08 3.34
CA LEU A 35 9.67 -8.29 4.05
C LEU A 35 9.62 -9.54 4.94
N THR A 36 8.53 -10.29 4.85
CA THR A 36 8.42 -11.57 5.55
C THR A 36 8.04 -12.64 4.53
N LYS A 37 8.36 -12.38 3.26
CA LYS A 37 7.82 -13.15 2.15
C LYS A 37 8.45 -14.54 2.14
N ASP A 38 9.79 -14.59 2.10
CA ASP A 38 10.49 -15.87 2.03
C ASP A 38 11.15 -16.21 3.35
N ARG A 39 11.42 -15.18 4.16
CA ARG A 39 11.93 -15.32 5.51
C ARG A 39 11.57 -14.05 6.28
N CYS A 40 11.84 -14.06 7.60
CA CYS A 40 11.72 -12.87 8.43
C CYS A 40 12.97 -12.03 8.28
N LYS A 41 12.90 -10.94 7.50
CA LYS A 41 14.01 -10.00 7.45
C LYS A 41 14.36 -9.54 8.87
N PRO A 42 15.63 -9.63 9.32
CA PRO A 42 15.98 -9.31 10.72
C PRO A 42 15.74 -7.87 11.14
N VAL A 43 16.11 -6.91 10.30
CA VAL A 43 16.09 -5.50 10.68
C VAL A 43 15.66 -4.67 9.47
N ASN A 44 14.85 -3.64 9.70
CA ASN A 44 14.44 -2.76 8.61
C ASN A 44 13.94 -1.43 9.17
N THR A 45 14.30 -0.31 8.51
CA THR A 45 13.86 1.01 8.92
C THR A 45 12.82 1.55 7.94
N PHE A 46 11.74 2.13 8.48
CA PHE A 46 10.78 2.86 7.69
C PHE A 46 10.90 4.35 7.98
N VAL A 47 10.76 5.16 6.93
CA VAL A 47 10.87 6.60 7.06
C VAL A 47 9.50 7.23 6.86
N HIS A 48 9.13 8.14 7.77
CA HIS A 48 7.81 8.77 7.82
C HIS A 48 7.92 10.25 7.48
N GLU A 49 8.55 10.55 6.35
CA GLU A 49 8.49 11.88 5.77
C GLU A 49 7.95 11.69 4.37
N SER A 50 7.52 12.79 3.74
CA SER A 50 7.00 12.74 2.38
C SER A 50 8.07 12.17 1.45
N LEU A 51 7.60 11.58 0.34
CA LEU A 51 8.54 11.06 -0.64
C LEU A 51 9.43 12.18 -1.16
N ALA A 52 8.85 13.37 -1.36
CA ALA A 52 9.62 14.52 -1.85
C ALA A 52 10.78 14.80 -0.88
N ASP A 53 10.49 14.79 0.42
CA ASP A 53 11.49 15.16 1.41
C ASP A 53 12.59 14.11 1.49
N VAL A 54 12.24 12.84 1.29
CA VAL A 54 13.23 11.77 1.32
C VAL A 54 14.08 11.81 0.04
N GLN A 55 13.44 11.99 -1.12
CA GLN A 55 14.20 12.10 -2.37
C GLN A 55 15.17 13.28 -2.32
N ALA A 56 14.78 14.32 -1.59
CA ALA A 56 15.55 15.55 -1.54
C ALA A 56 16.90 15.31 -0.83
N VAL A 57 16.95 14.26 0.02
CA VAL A 57 18.19 13.93 0.72
C VAL A 57 19.31 13.67 -0.28
N CYS A 58 18.96 13.22 -1.48
CA CYS A 58 19.95 12.96 -2.53
C CYS A 58 20.64 14.23 -3.03
N SER A 59 20.20 15.40 -2.55
CA SER A 59 20.78 16.70 -2.89
C SER A 59 21.40 17.35 -1.65
N GLN A 60 21.62 16.55 -0.60
CA GLN A 60 22.10 17.09 0.67
C GLN A 60 23.57 16.69 0.89
N LYS A 61 23.93 16.26 2.11
CA LYS A 61 25.35 16.14 2.44
C LYS A 61 25.93 14.84 1.88
N ASN A 62 26.85 14.96 0.92
CA ASN A 62 27.48 13.80 0.30
C ASN A 62 28.47 13.17 1.29
N VAL A 63 28.32 11.86 1.54
CA VAL A 63 29.18 11.13 2.47
C VAL A 63 29.52 9.76 1.86
N ALA A 64 30.54 9.08 2.42
CA ALA A 64 30.84 7.74 1.95
C ALA A 64 29.72 6.81 2.44
N CYS A 65 29.48 5.75 1.67
CA CYS A 65 28.62 4.65 2.10
C CYS A 65 29.41 3.68 2.97
N LYS A 66 28.73 2.87 3.77
CA LYS A 66 29.39 1.89 4.62
C LYS A 66 30.30 0.96 3.82
N ASN A 67 29.93 0.66 2.57
CA ASN A 67 30.67 -0.27 1.73
C ASN A 67 31.83 0.40 0.99
N GLY A 68 32.01 1.70 1.21
CA GLY A 68 33.14 2.41 0.64
C GLY A 68 32.82 3.06 -0.70
N GLN A 69 31.59 2.86 -1.20
CA GLN A 69 31.10 3.60 -2.37
C GLN A 69 30.81 5.06 -1.97
N THR A 70 30.57 5.92 -2.96
CA THR A 70 30.74 7.35 -2.73
C THR A 70 29.41 8.11 -2.82
N ASN A 71 28.35 7.45 -3.32
CA ASN A 71 27.12 8.16 -3.68
C ASN A 71 26.10 8.04 -2.53
N CYS A 72 26.53 8.32 -1.30
CA CYS A 72 25.61 8.35 -0.17
C CYS A 72 25.41 9.77 0.31
N TYR A 73 24.26 10.02 0.94
CA TYR A 73 23.91 11.35 1.41
C TYR A 73 23.27 11.27 2.78
N GLN A 74 23.61 12.24 3.64
CA GLN A 74 23.07 12.36 4.98
C GLN A 74 22.10 13.54 5.00
N SER A 75 20.87 13.30 5.45
CA SER A 75 19.88 14.35 5.57
C SER A 75 20.38 15.45 6.51
N TYR A 76 20.16 16.69 6.08
CA TYR A 76 20.48 17.84 6.90
C TYR A 76 19.61 17.86 8.15
N SER A 77 18.34 17.51 7.99
CA SER A 77 17.36 17.52 9.08
C SER A 77 17.25 16.12 9.66
N THR A 78 16.87 16.03 10.94
CA THR A 78 16.36 14.76 11.46
C THR A 78 15.01 14.48 10.83
N MET A 79 14.67 13.19 10.79
CA MET A 79 13.48 12.69 10.14
C MET A 79 12.85 11.62 11.02
N SER A 80 11.52 11.53 10.95
CA SER A 80 10.79 10.55 11.73
C SER A 80 11.01 9.17 11.12
N ILE A 81 11.54 8.23 11.90
CA ILE A 81 11.77 6.88 11.41
C ILE A 81 11.21 5.86 12.40
N THR A 82 10.95 4.64 11.93
CA THR A 82 10.68 3.54 12.84
C THR A 82 11.65 2.42 12.52
N ASP A 83 12.30 1.88 13.55
CA ASP A 83 13.20 0.74 13.41
C ASP A 83 12.40 -0.52 13.74
N CYS A 84 12.44 -1.52 12.86
CA CYS A 84 11.80 -2.80 13.10
C CYS A 84 12.87 -3.89 13.22
N ARG A 85 12.88 -4.60 14.38
CA ARG A 85 13.90 -5.59 14.70
C ARG A 85 13.25 -6.87 15.23
N GLU A 86 13.64 -8.01 14.64
CA GLU A 86 13.01 -9.29 14.91
C GLU A 86 13.32 -9.75 16.34
N THR A 87 12.35 -10.43 16.97
CA THR A 87 12.42 -10.88 18.36
C THR A 87 12.58 -12.40 18.40
N GLY A 88 12.84 -12.93 19.61
CA GLY A 88 13.39 -14.26 19.78
C GLY A 88 12.37 -15.36 19.49
N SER A 89 11.09 -15.01 19.59
CA SER A 89 9.99 -15.95 19.51
C SER A 89 9.44 -16.00 18.09
N SER A 90 10.06 -15.24 17.18
CA SER A 90 9.61 -15.14 15.81
C SER A 90 9.88 -16.46 15.07
N LYS A 91 8.84 -17.03 14.46
CA LYS A 91 9.01 -18.22 13.64
C LYS A 91 8.28 -18.07 12.31
N TYR A 92 9.06 -18.09 11.21
CA TYR A 92 8.53 -17.78 9.89
C TYR A 92 7.37 -18.75 9.61
N PRO A 93 6.24 -18.30 9.02
CA PRO A 93 6.05 -16.91 8.59
C PRO A 93 5.34 -16.02 9.60
N ASN A 94 5.36 -16.43 10.87
CA ASN A 94 4.78 -15.62 11.94
C ASN A 94 5.85 -14.69 12.50
N CYS A 95 6.39 -13.84 11.63
CA CYS A 95 7.54 -13.02 11.96
C CYS A 95 7.13 -11.95 12.98
N ALA A 96 7.92 -11.82 14.04
CA ALA A 96 7.62 -10.93 15.16
C ALA A 96 8.73 -9.90 15.34
N TYR A 97 8.32 -8.64 15.57
CA TYR A 97 9.23 -7.50 15.58
C TYR A 97 9.02 -6.60 16.79
N LYS A 98 10.11 -5.99 17.25
CA LYS A 98 10.07 -4.88 18.18
C LYS A 98 10.11 -3.58 17.39
N THR A 99 9.29 -2.62 17.84
CA THR A 99 9.12 -1.35 17.15
C THR A 99 9.82 -0.27 17.97
N THR A 100 10.68 0.54 17.32
CA THR A 100 11.31 1.65 18.00
C THR A 100 11.17 2.90 17.13
N GLN A 101 10.52 3.93 17.70
CA GLN A 101 10.30 5.19 16.99
C GLN A 101 11.45 6.14 17.36
N ALA A 102 11.98 6.86 16.36
CA ALA A 102 13.09 7.75 16.60
C ALA A 102 13.07 8.93 15.62
N ASN A 103 13.83 9.99 15.93
CA ASN A 103 13.96 11.11 15.01
C ASN A 103 15.44 11.34 14.70
N LYS A 104 15.90 10.79 13.56
CA LYS A 104 17.32 10.59 13.29
C LYS A 104 17.64 11.19 11.92
N HIS A 105 18.92 11.49 11.67
CA HIS A 105 19.30 11.74 10.28
C HIS A 105 19.36 10.41 9.53
N ILE A 106 18.95 10.40 8.26
CA ILE A 106 19.07 9.21 7.47
C ILE A 106 20.24 9.35 6.50
N ILE A 107 20.82 8.20 6.14
CA ILE A 107 21.86 8.16 5.12
C ILE A 107 21.45 7.15 4.05
N VAL A 108 21.39 7.63 2.80
CA VAL A 108 20.92 6.79 1.69
C VAL A 108 21.93 6.88 0.56
N ALA A 109 22.00 5.83 -0.27
CA ALA A 109 22.67 5.87 -1.55
C ALA A 109 21.65 6.25 -2.63
N CYS A 110 22.10 7.04 -3.62
CA CYS A 110 21.20 7.57 -4.65
C CYS A 110 21.71 7.22 -6.05
N GLU A 111 20.77 6.97 -6.97
CA GLU A 111 21.09 6.70 -8.37
C GLU A 111 19.90 7.11 -9.24
N GLY A 112 20.17 7.44 -10.53
CA GLY A 112 19.12 7.51 -11.54
C GLY A 112 18.72 8.95 -11.86
N ASN A 113 17.84 9.10 -12.86
CA ASN A 113 17.23 10.38 -13.17
C ASN A 113 15.71 10.15 -13.24
N PRO A 114 14.95 10.61 -12.23
CA PRO A 114 15.47 11.47 -11.17
C PRO A 114 16.38 10.73 -10.18
N TYR A 115 17.24 11.52 -9.53
CA TYR A 115 18.24 11.00 -8.62
C TYR A 115 17.58 10.77 -7.26
N VAL A 116 17.39 9.49 -6.91
CA VAL A 116 16.52 9.12 -5.81
C VAL A 116 17.18 8.01 -5.01
N PRO A 117 16.71 7.71 -3.79
CA PRO A 117 17.38 6.72 -2.96
C PRO A 117 17.22 5.31 -3.53
N VAL A 118 18.32 4.54 -3.50
CA VAL A 118 18.28 3.15 -3.96
C VAL A 118 18.77 2.20 -2.87
N HIS A 119 19.21 2.73 -1.74
CA HIS A 119 19.68 1.92 -0.62
C HIS A 119 19.56 2.74 0.66
N PHE A 120 19.14 2.08 1.76
CA PHE A 120 19.17 2.73 3.06
C PHE A 120 20.43 2.29 3.79
N ASP A 121 21.33 3.25 4.07
CA ASP A 121 22.65 2.89 4.53
C ASP A 121 22.67 2.81 6.06
N ALA A 122 22.10 3.83 6.71
CA ALA A 122 22.16 3.97 8.15
C ALA A 122 21.31 5.14 8.58
N SER A 123 21.13 5.28 9.89
CA SER A 123 20.62 6.50 10.48
C SER A 123 21.58 6.98 11.56
N VAL A 124 21.55 8.28 11.83
CA VAL A 124 22.37 8.89 12.87
C VAL A 124 21.49 9.91 13.61
N LYS B 1 -23.10 14.87 3.46
CA LYS B 1 -22.84 14.45 2.05
C LYS B 1 -21.74 13.39 2.04
N GLU B 2 -21.87 12.38 1.16
CA GLU B 2 -20.91 11.29 1.07
C GLU B 2 -19.59 11.80 0.48
N THR B 3 -18.50 11.59 1.22
CA THR B 3 -17.18 11.92 0.71
C THR B 3 -16.71 10.89 -0.31
N ALA B 4 -15.68 11.28 -1.07
CA ALA B 4 -15.03 10.37 -2.01
C ALA B 4 -14.55 9.11 -1.26
N ALA B 5 -13.96 9.30 -0.08
CA ALA B 5 -13.41 8.18 0.67
C ALA B 5 -14.53 7.23 1.09
N ALA B 6 -15.65 7.79 1.56
CA ALA B 6 -16.75 6.95 2.04
C ALA B 6 -17.43 6.25 0.86
N LYS B 7 -17.50 6.93 -0.29
CA LYS B 7 -18.03 6.30 -1.49
C LYS B 7 -17.17 5.08 -1.86
N PHE B 8 -15.85 5.24 -1.78
CA PHE B 8 -14.99 4.08 -2.08
C PHE B 8 -15.28 2.94 -1.10
N GLU B 9 -15.49 3.25 0.18
CA GLU B 9 -15.77 2.20 1.16
C GLU B 9 -17.10 1.51 0.86
N ARG B 10 -18.13 2.32 0.51
CA ARG B 10 -19.43 1.75 0.19
C ARG B 10 -19.31 0.85 -1.05
N GLN B 11 -18.57 1.33 -2.07
CA GLN B 11 -18.54 0.58 -3.32
C GLN B 11 -17.62 -0.64 -3.25
N HIS B 12 -16.54 -0.57 -2.44
CA HIS B 12 -15.44 -1.50 -2.64
C HIS B 12 -15.02 -2.28 -1.40
N MET B 13 -15.37 -1.83 -0.19
CA MET B 13 -14.86 -2.52 1.00
C MET B 13 -15.84 -3.58 1.46
N ASP B 14 -15.33 -4.81 1.68
CA ASP B 14 -16.11 -5.87 2.30
C ASP B 14 -15.17 -6.73 3.15
N SER B 15 -14.66 -6.14 4.23
CA SER B 15 -13.67 -6.81 5.08
C SER B 15 -14.26 -8.10 5.66
N SER B 16 -13.71 -9.28 5.30
CA SER B 16 -14.44 -10.52 5.58
C SER B 16 -13.70 -11.81 5.25
N THR B 17 -12.41 -11.73 4.95
CA THR B 17 -11.65 -12.91 4.51
C THR B 17 -11.90 -13.20 3.03
N SER B 18 -13.15 -13.47 2.65
CA SER B 18 -13.53 -13.71 1.25
C SER B 18 -15.05 -13.62 1.15
N ALA B 19 -15.59 -13.76 -0.07
CA ALA B 19 -17.00 -13.51 -0.31
C ALA B 19 -17.84 -14.52 0.47
N ALA B 20 -18.84 -13.99 1.20
CA ALA B 20 -19.85 -14.81 1.85
C ALA B 20 -21.20 -14.13 1.66
N SER B 21 -22.22 -14.91 1.29
CA SER B 21 -23.56 -14.37 1.14
C SER B 21 -24.58 -15.50 1.17
N SER B 22 -25.86 -15.14 1.27
CA SER B 22 -26.89 -16.14 1.45
C SER B 22 -27.25 -16.76 0.11
N SER B 23 -26.99 -16.01 -0.97
CA SER B 23 -27.15 -16.38 -2.37
C SER B 23 -26.11 -15.62 -3.20
N ASN B 24 -26.21 -15.69 -4.53
CA ASN B 24 -25.28 -15.05 -5.46
C ASN B 24 -24.70 -13.80 -4.81
N TYR B 25 -23.40 -13.84 -4.53
CA TYR B 25 -22.72 -12.80 -3.77
C TYR B 25 -22.85 -11.46 -4.49
N CYS B 26 -22.55 -11.45 -5.80
CA CYS B 26 -22.54 -10.18 -6.50
C CYS B 26 -23.95 -9.60 -6.60
N ASN B 27 -24.95 -10.45 -6.87
CA ASN B 27 -26.31 -9.92 -6.98
C ASN B 27 -26.71 -9.29 -5.65
N GLN B 28 -26.41 -10.00 -4.55
CA GLN B 28 -26.77 -9.52 -3.21
C GLN B 28 -26.02 -8.23 -2.89
N MET B 29 -24.71 -8.21 -3.16
CA MET B 29 -23.89 -7.08 -2.76
C MET B 29 -24.13 -5.85 -3.64
N MET B 30 -24.22 -6.05 -4.96
CA MET B 30 -24.44 -4.91 -5.83
C MET B 30 -25.76 -4.21 -5.46
N LYS B 31 -26.77 -5.00 -5.07
CA LYS B 31 -28.01 -4.43 -4.62
C LYS B 31 -27.81 -3.73 -3.27
N SER B 32 -27.24 -4.43 -2.30
CA SER B 32 -27.18 -3.88 -0.95
C SER B 32 -26.35 -2.59 -0.86
N ARG B 33 -25.33 -2.46 -1.73
CA ARG B 33 -24.45 -1.29 -1.67
C ARG B 33 -24.97 -0.14 -2.54
N ASN B 34 -26.20 -0.28 -3.06
CA ASN B 34 -26.87 0.73 -3.87
C ASN B 34 -26.21 0.88 -5.25
N LEU B 35 -25.62 -0.20 -5.77
CA LEU B 35 -24.95 -0.10 -7.06
C LEU B 35 -25.86 -0.66 -8.15
N THR B 36 -27.12 -0.90 -7.79
CA THR B 36 -28.14 -1.24 -8.79
C THR B 36 -29.27 -0.21 -8.76
N LYS B 37 -29.02 0.93 -8.10
CA LYS B 37 -30.09 1.85 -7.76
C LYS B 37 -30.41 2.78 -8.94
N ASP B 38 -29.39 3.43 -9.51
CA ASP B 38 -29.59 4.43 -10.56
C ASP B 38 -29.21 3.86 -11.93
N ARG B 39 -28.50 2.73 -11.93
CA ARG B 39 -28.23 1.91 -13.10
C ARG B 39 -27.67 0.59 -12.57
N CYS B 40 -27.46 -0.40 -13.44
CA CYS B 40 -26.63 -1.51 -13.03
C CYS B 40 -25.16 -1.11 -13.20
N LYS B 41 -24.46 -0.87 -12.09
CA LYS B 41 -23.05 -0.58 -12.29
C LYS B 41 -22.40 -1.79 -12.99
N PRO B 42 -21.70 -1.59 -14.12
CA PRO B 42 -21.38 -2.72 -15.00
C PRO B 42 -20.30 -3.67 -14.48
N VAL B 43 -19.33 -3.12 -13.74
CA VAL B 43 -18.26 -3.91 -13.16
C VAL B 43 -17.89 -3.29 -11.82
N ASN B 44 -17.59 -4.13 -10.83
CA ASN B 44 -17.27 -3.60 -9.52
C ASN B 44 -16.45 -4.62 -8.75
N THR B 45 -15.39 -4.17 -8.06
CA THR B 45 -14.57 -5.06 -7.25
C THR B 45 -14.78 -4.78 -5.77
N PHE B 46 -15.00 -5.86 -5.00
CA PHE B 46 -15.00 -5.78 -3.54
C PHE B 46 -13.69 -6.34 -3.00
N VAL B 47 -13.16 -5.69 -1.95
CA VAL B 47 -11.89 -6.08 -1.36
C VAL B 47 -12.15 -6.63 0.06
N HIS B 48 -11.61 -7.83 0.32
CA HIS B 48 -11.80 -8.54 1.57
C HIS B 48 -10.51 -8.49 2.39
N GLU B 49 -10.13 -7.27 2.73
CA GLU B 49 -9.00 -7.04 3.61
C GLU B 49 -9.46 -5.96 4.57
N SER B 50 -8.70 -5.75 5.64
CA SER B 50 -9.01 -4.67 6.57
C SER B 50 -8.98 -3.33 5.84
N LEU B 51 -9.78 -2.36 6.32
CA LEU B 51 -9.71 -1.00 5.83
C LEU B 51 -8.29 -0.45 5.96
N ALA B 52 -7.60 -0.77 7.06
CA ALA B 52 -6.25 -0.27 7.26
C ALA B 52 -5.32 -0.77 6.16
N ASP B 53 -5.46 -2.04 5.80
CA ASP B 53 -4.59 -2.66 4.80
C ASP B 53 -4.85 -2.02 3.44
N VAL B 54 -6.10 -1.68 3.15
CA VAL B 54 -6.44 -1.10 1.86
C VAL B 54 -5.97 0.36 1.83
N GLN B 55 -6.21 1.11 2.93
CA GLN B 55 -5.78 2.50 2.97
C GLN B 55 -4.27 2.58 2.79
N ALA B 56 -3.56 1.63 3.40
CA ALA B 56 -2.10 1.61 3.35
C ALA B 56 -1.60 1.58 1.91
N VAL B 57 -2.45 1.15 0.96
CA VAL B 57 -1.97 1.00 -0.41
C VAL B 57 -1.55 2.35 -1.00
N CYS B 58 -2.08 3.45 -0.45
CA CYS B 58 -1.75 4.79 -0.95
C CYS B 58 -0.31 5.17 -0.63
N SER B 59 0.37 4.35 0.19
CA SER B 59 1.78 4.52 0.54
C SER B 59 2.67 3.51 -0.19
N GLN B 60 2.09 2.73 -1.11
CA GLN B 60 2.81 1.63 -1.74
C GLN B 60 3.24 2.03 -3.15
N LYS B 61 3.05 1.16 -4.16
CA LYS B 61 3.71 1.35 -5.45
C LYS B 61 2.92 2.33 -6.34
N ASN B 62 3.51 3.49 -6.62
CA ASN B 62 2.84 4.49 -7.45
C ASN B 62 2.88 4.03 -8.91
N VAL B 63 1.68 3.95 -9.52
CA VAL B 63 1.52 3.57 -10.93
C VAL B 63 0.57 4.54 -11.62
N ALA B 64 0.58 4.52 -12.96
CA ALA B 64 -0.32 5.36 -13.72
C ALA B 64 -1.72 4.75 -13.64
N CYS B 65 -2.74 5.60 -13.50
CA CYS B 65 -4.12 5.15 -13.62
C CYS B 65 -4.47 4.93 -15.10
N LYS B 66 -5.49 4.11 -15.36
CA LYS B 66 -5.97 3.82 -16.70
C LYS B 66 -6.34 5.09 -17.47
N ASN B 67 -6.85 6.12 -16.78
CA ASN B 67 -7.27 7.31 -17.51
C ASN B 67 -6.11 8.31 -17.69
N GLY B 68 -4.90 7.94 -17.24
CA GLY B 68 -3.71 8.75 -17.45
C GLY B 68 -3.37 9.64 -16.25
N GLN B 69 -4.23 9.67 -15.23
CA GLN B 69 -3.79 10.28 -13.97
C GLN B 69 -2.59 9.52 -13.42
N THR B 70 -1.82 10.16 -12.55
CA THR B 70 -0.64 9.47 -12.04
C THR B 70 -0.72 9.26 -10.53
N ASN B 71 -1.93 9.32 -9.96
CA ASN B 71 -2.10 9.16 -8.53
C ASN B 71 -2.70 7.79 -8.19
N CYS B 72 -2.32 6.74 -8.93
CA CYS B 72 -2.76 5.40 -8.61
C CYS B 72 -1.67 4.63 -7.86
N TYR B 73 -2.10 3.61 -7.10
CA TYR B 73 -1.24 2.85 -6.21
C TYR B 73 -1.59 1.37 -6.32
N GLN B 74 -0.54 0.55 -6.46
CA GLN B 74 -0.68 -0.90 -6.56
C GLN B 74 -0.18 -1.53 -5.27
N SER B 75 -0.98 -2.46 -4.71
CA SER B 75 -0.59 -3.15 -3.48
C SER B 75 0.64 -4.03 -3.73
N TYR B 76 1.55 -4.08 -2.74
CA TYR B 76 2.72 -4.94 -2.84
C TYR B 76 2.32 -6.40 -2.65
N SER B 77 1.36 -6.63 -1.74
CA SER B 77 0.84 -7.97 -1.46
C SER B 77 -0.38 -8.28 -2.32
N THR B 78 -0.63 -9.56 -2.59
CA THR B 78 -1.94 -9.91 -3.09
C THR B 78 -2.98 -9.73 -1.99
N MET B 79 -4.21 -9.45 -2.45
CA MET B 79 -5.33 -9.28 -1.56
C MET B 79 -6.49 -10.12 -2.06
N SER B 80 -7.32 -10.55 -1.10
CA SER B 80 -8.53 -11.28 -1.41
C SER B 80 -9.58 -10.31 -1.95
N ILE B 81 -10.08 -10.56 -3.16
CA ILE B 81 -11.06 -9.68 -3.79
C ILE B 81 -12.17 -10.52 -4.43
N THR B 82 -13.28 -9.85 -4.79
CA THR B 82 -14.28 -10.45 -5.66
C THR B 82 -14.69 -9.46 -6.74
N ASP B 83 -14.66 -9.92 -8.00
CA ASP B 83 -15.02 -9.12 -9.17
C ASP B 83 -16.48 -9.40 -9.50
N CYS B 84 -17.28 -8.35 -9.69
CA CYS B 84 -18.65 -8.53 -10.14
C CYS B 84 -18.81 -7.89 -11.51
N ARG B 85 -19.28 -8.68 -12.49
CA ARG B 85 -19.45 -8.19 -13.86
C ARG B 85 -20.85 -8.57 -14.33
N GLU B 86 -21.54 -7.58 -14.89
CA GLU B 86 -22.88 -7.77 -15.42
C GLU B 86 -22.91 -8.95 -16.40
N THR B 87 -23.97 -9.76 -16.33
CA THR B 87 -24.15 -10.84 -17.29
C THR B 87 -24.74 -10.27 -18.58
N GLY B 88 -24.81 -11.11 -19.61
CA GLY B 88 -25.39 -10.73 -20.88
C GLY B 88 -26.87 -10.36 -20.78
N SER B 89 -27.60 -10.99 -19.86
CA SER B 89 -29.05 -10.80 -19.81
C SER B 89 -29.45 -9.74 -18.79
N SER B 90 -28.47 -9.25 -18.01
CA SER B 90 -28.73 -8.18 -17.06
C SER B 90 -29.32 -6.96 -17.79
N LYS B 91 -30.45 -6.47 -17.29
CA LYS B 91 -31.02 -5.24 -17.84
C LYS B 91 -31.70 -4.44 -16.73
N TYR B 92 -31.16 -3.24 -16.48
CA TYR B 92 -31.67 -2.38 -15.42
C TYR B 92 -33.18 -2.22 -15.61
N PRO B 93 -34.02 -2.32 -14.55
CA PRO B 93 -33.57 -2.45 -13.16
C PRO B 93 -33.29 -3.87 -12.64
N ASN B 94 -33.53 -4.88 -13.47
CA ASN B 94 -33.31 -6.27 -13.08
C ASN B 94 -31.86 -6.63 -13.35
N CYS B 95 -30.96 -6.19 -12.46
CA CYS B 95 -29.53 -6.34 -12.67
C CYS B 95 -29.10 -7.77 -12.33
N ALA B 96 -28.09 -8.28 -13.04
CA ALA B 96 -27.58 -9.63 -12.80
C ALA B 96 -26.08 -9.65 -13.05
N TYR B 97 -25.37 -10.40 -12.20
CA TYR B 97 -23.91 -10.38 -12.17
C TYR B 97 -23.34 -11.79 -12.13
N LYS B 98 -22.13 -11.90 -12.68
CA LYS B 98 -21.27 -13.05 -12.49
C LYS B 98 -20.23 -12.70 -11.43
N THR B 99 -20.01 -13.63 -10.51
CA THR B 99 -19.07 -13.48 -9.40
C THR B 99 -17.78 -14.19 -9.77
N THR B 100 -16.65 -13.48 -9.68
CA THR B 100 -15.34 -14.10 -9.80
C THR B 100 -14.52 -13.72 -8.57
N GLN B 101 -14.21 -14.72 -7.75
CA GLN B 101 -13.36 -14.56 -6.59
C GLN B 101 -11.91 -14.68 -7.05
N ALA B 102 -11.02 -13.89 -6.42
CA ALA B 102 -9.64 -13.88 -6.87
C ALA B 102 -8.73 -13.41 -5.73
N ASN B 103 -7.42 -13.68 -5.89
CA ASN B 103 -6.41 -13.07 -5.05
C ASN B 103 -5.40 -12.39 -5.97
N LYS B 104 -5.35 -11.05 -5.90
CA LYS B 104 -4.61 -10.27 -6.89
C LYS B 104 -4.08 -9.00 -6.21
N HIS B 105 -3.18 -8.30 -6.88
CA HIS B 105 -2.76 -7.00 -6.38
C HIS B 105 -3.76 -5.95 -6.85
N ILE B 106 -4.21 -5.08 -5.93
CA ILE B 106 -5.21 -4.08 -6.31
C ILE B 106 -4.50 -2.80 -6.74
N ILE B 107 -5.15 -2.04 -7.65
CA ILE B 107 -4.75 -0.70 -8.01
C ILE B 107 -5.89 0.27 -7.73
N VAL B 108 -5.60 1.27 -6.89
CA VAL B 108 -6.60 2.26 -6.50
C VAL B 108 -6.04 3.65 -6.80
N ALA B 109 -6.95 4.62 -7.08
CA ALA B 109 -6.56 6.02 -7.08
C ALA B 109 -6.71 6.58 -5.66
N CYS B 110 -5.72 7.36 -5.23
CA CYS B 110 -5.72 7.96 -3.90
C CYS B 110 -5.83 9.47 -4.00
N GLU B 111 -6.64 10.07 -3.15
CA GLU B 111 -6.79 11.52 -3.15
C GLU B 111 -6.95 11.99 -1.72
N GLY B 112 -6.68 13.29 -1.52
CA GLY B 112 -7.12 13.99 -0.33
C GLY B 112 -5.99 14.12 0.68
N ASN B 113 -6.27 14.92 1.72
CA ASN B 113 -5.43 14.95 2.89
C ASN B 113 -6.31 14.64 4.09
N PRO B 114 -6.27 13.42 4.68
CA PRO B 114 -5.24 12.42 4.36
C PRO B 114 -5.46 11.71 3.02
N TYR B 115 -4.40 11.03 2.56
CA TYR B 115 -4.36 10.47 1.21
C TYR B 115 -4.88 9.04 1.27
N VAL B 116 -6.10 8.85 0.74
CA VAL B 116 -6.84 7.62 0.94
C VAL B 116 -7.44 7.16 -0.38
N PRO B 117 -7.91 5.89 -0.51
CA PRO B 117 -8.44 5.42 -1.78
C PRO B 117 -9.80 6.07 -2.06
N VAL B 118 -10.00 6.48 -3.33
CA VAL B 118 -11.27 7.03 -3.77
C VAL B 118 -11.82 6.31 -5.01
N HIS B 119 -11.02 5.46 -5.65
CA HIS B 119 -11.47 4.82 -6.89
C HIS B 119 -10.72 3.51 -7.05
N PHE B 120 -11.43 2.47 -7.50
CA PHE B 120 -10.81 1.18 -7.78
C PHE B 120 -10.48 1.09 -9.27
N ASP B 121 -9.18 1.05 -9.60
CA ASP B 121 -8.77 1.19 -10.99
C ASP B 121 -8.67 -0.15 -11.70
N ALA B 122 -8.03 -1.14 -11.05
CA ALA B 122 -7.73 -2.39 -11.72
C ALA B 122 -7.22 -3.40 -10.70
N SER B 123 -7.14 -4.67 -11.11
CA SER B 123 -6.41 -5.63 -10.29
C SER B 123 -5.43 -6.36 -11.21
N VAL B 124 -4.23 -6.65 -10.71
CA VAL B 124 -3.21 -7.25 -11.56
C VAL B 124 -2.58 -8.47 -10.88
K K C . 17.01 -0.86 7.29
C V2P D . -15.66 3.96 -12.20
N V2P D . -15.10 2.67 -10.14
O V2P D . -16.88 3.76 -11.95
C2 V2P D . -11.69 7.06 -13.08
C4 V2P D . -11.64 8.16 -10.98
C5 V2P D . -10.30 8.18 -10.96
C6 V2P D . -9.63 7.66 -11.97
C8 V2P D . -10.97 9.10 -9.17
N9 V2P D . -12.05 8.74 -9.86
CA V2P D . -14.65 3.01 -11.51
CB V2P D . -14.55 1.64 -12.24
CG V2P D . -14.34 0.62 -11.09
OXT V2P D . -15.20 4.90 -12.89
CD V2P D . -15.14 1.21 -9.94
PA V2P D . -15.15 3.68 -8.93
O1A V2P D . -16.60 3.81 -8.67
O2A V2P D . -14.21 3.12 -7.94
O5' V2P D . -14.72 5.17 -9.24
C5' V2P D . -15.06 6.02 -8.11
C4' V2P D . -15.19 7.51 -8.45
O4' V2P D . -13.91 8.24 -8.29
C3' V2P D . -15.67 7.70 -9.88
O3' V2P D . -16.57 8.84 -9.95
C2' V2P D . -14.38 8.01 -10.61
O2' V2P D . -14.66 8.77 -11.81
C1' V2P D . -13.55 8.85 -9.57
N7 V2P D . -9.88 8.78 -9.86
N3 V2P D . -12.36 7.62 -12.00
N1 V2P D . -10.30 7.09 -13.01
N6 V2P D . -8.32 7.72 -11.87
C1 MPD E . -22.04 6.14 -8.52
C2 MPD E . -22.99 4.99 -8.19
O2 MPD E . -23.10 4.89 -6.76
CM MPD E . -24.38 5.28 -8.73
C3 MPD E . -22.45 3.66 -8.72
C4 MPD E . -22.22 3.41 -10.21
O4 MPD E . -23.41 3.27 -10.94
C5 MPD E . -21.19 4.13 -10.99
#